data_3P30
#
_entry.id   3P30
#
_cell.length_a   115.830
_cell.length_b   115.830
_cell.length_c   119.544
_cell.angle_alpha   90.000
_cell.angle_beta   90.000
_cell.angle_gamma   120.000
#
_symmetry.space_group_name_H-M   'H 3'
#
loop_
_entity.id
_entity.type
_entity.pdbx_description
1 polymer 'HIV-1 gp41'
2 polymer '1281 Fab light chain'
3 polymer '1281 Fab heavy chain'
#
loop_
_entity_poly.entity_id
_entity_poly.type
_entity_poly.pdbx_seq_one_letter_code
_entity_poly.pdbx_strand_id
1 'polypeptide(L)'
;SITLTVQVRKLLSGIVQQQSNLLRAIEAQQHLLKLTVWGIKQLQARVLSGGRGGWLQWDKEISNYTHIIYELIEESQKQQ
EKNEQELLELDKWANL
;
A
2 'polypeptide(L)'
;QSVLTQPPSVSGTPGQRVTISCSGSSSNIGNNYVYWYQQLPGTAPKLLIYKNNIRPSGVPDRFSGSKSGTSASLAISGLR
SEDEADYYCAAWDDSLSGPYVFGAGTKLTVLGQPKAAPSVTLFPPSSEELQANKATLVCLISDFYPGAVTVAWKADSSPI
KAGVETTTPSKQSNNKYAASSYLSLTPEQWKSHRSYSCQVTHEGSTVEKTVAP
;
L
3 'polypeptide(L)'
;ALQLVQSGAEVKKAGSSVRVSCKASGATFSSYSISWVRQAPGQGPQWMGGIVPSSGAAKYAQQFQGRLTITADTSTNTAY
LELSSLRYDDTAVYYCTRDRSRVRYFDRESGWFDPWGQGTLVTVSSASTKGPSVFPLAPSSKSTSGGTAALGCLVKDYFP
EPVTVSWNSGALTSGVHTFPAVLQSSGLYSLSSVVTVPSSSLGTQTYICNVNHKPSNTKVDKKVEP
;
H
#
# COMPACT_ATOMS: atom_id res chain seq x y z
N THR A 5 -32.92 -31.06 14.52
CA THR A 5 -33.72 -31.30 13.27
C THR A 5 -33.59 -30.13 12.31
N VAL A 6 -33.68 -28.91 12.85
CA VAL A 6 -33.54 -27.68 12.06
C VAL A 6 -32.09 -27.53 11.57
N GLN A 7 -31.14 -27.75 12.47
CA GLN A 7 -29.71 -27.65 12.15
C GLN A 7 -29.22 -28.82 11.31
N VAL A 8 -29.91 -29.97 11.42
CA VAL A 8 -29.57 -31.16 10.66
C VAL A 8 -29.93 -31.00 9.17
N ARG A 9 -31.13 -30.46 8.93
CA ARG A 9 -31.61 -30.19 7.57
C ARG A 9 -30.68 -29.26 6.80
N LYS A 10 -30.13 -28.27 7.50
CA LYS A 10 -29.18 -27.33 6.92
C LYS A 10 -27.82 -27.99 6.68
N LEU A 11 -27.45 -28.92 7.56
CA LEU A 11 -26.18 -29.65 7.45
C LEU A 11 -26.22 -30.67 6.31
N LEU A 12 -27.31 -31.43 6.25
CA LEU A 12 -27.51 -32.42 5.19
C LEU A 12 -27.47 -31.77 3.82
N SER A 13 -28.11 -30.60 3.70
CA SER A 13 -28.11 -29.82 2.46
C SER A 13 -26.69 -29.42 2.04
N GLY A 14 -25.87 -29.05 3.03
CA GLY A 14 -24.48 -28.66 2.79
C GLY A 14 -23.61 -29.81 2.33
N ILE A 15 -23.86 -31.00 2.87
CA ILE A 15 -23.11 -32.21 2.53
C ILE A 15 -23.45 -32.69 1.11
N VAL A 16 -24.73 -32.66 0.76
CA VAL A 16 -25.20 -33.04 -0.57
C VAL A 16 -24.58 -32.13 -1.63
N GLN A 17 -24.56 -30.82 -1.36
CA GLN A 17 -23.97 -29.84 -2.26
C GLN A 17 -22.46 -30.06 -2.43
N GLN A 18 -21.78 -30.39 -1.33
CA GLN A 18 -20.35 -30.67 -1.34
C GLN A 18 -20.04 -31.93 -2.15
N GLN A 19 -20.95 -32.89 -2.13
CA GLN A 19 -20.80 -34.13 -2.91
C GLN A 19 -20.88 -33.85 -4.41
N SER A 20 -21.76 -32.92 -4.79
CA SER A 20 -21.88 -32.52 -6.19
C SER A 20 -20.64 -31.75 -6.64
N ASN A 21 -20.08 -30.96 -5.71
CA ASN A 21 -18.86 -30.20 -5.96
C ASN A 21 -17.66 -31.09 -6.26
N LEU A 22 -17.48 -32.13 -5.46
CA LEU A 22 -16.39 -33.08 -5.64
C LEU A 22 -16.56 -33.91 -6.92
N LEU A 23 -17.81 -34.25 -7.24
CA LEU A 23 -18.13 -34.99 -8.47
C LEU A 23 -17.71 -34.20 -9.70
N ARG A 24 -18.11 -32.93 -9.75
CA ARG A 24 -17.76 -32.04 -10.86
C ARG A 24 -16.24 -31.90 -11.01
N ALA A 25 -15.56 -31.79 -9.88
CA ALA A 25 -14.10 -31.72 -9.85
C ALA A 25 -13.49 -32.96 -10.49
N ILE A 26 -14.02 -34.13 -10.14
CA ILE A 26 -13.55 -35.41 -10.68
C ILE A 26 -13.88 -35.54 -12.17
N GLU A 27 -15.07 -35.07 -12.56
CA GLU A 27 -15.48 -35.04 -13.97
C GLU A 27 -14.56 -34.15 -14.80
N ALA A 28 -14.17 -33.01 -14.23
CA ALA A 28 -13.31 -32.04 -14.92
C ALA A 28 -11.86 -32.50 -14.97
N GLN A 29 -11.40 -33.15 -13.90
CA GLN A 29 -10.04 -33.68 -13.83
C GLN A 29 -9.83 -34.83 -14.82
N GLN A 30 -10.90 -35.56 -15.10
CA GLN A 30 -10.85 -36.65 -16.08
C GLN A 30 -10.55 -36.12 -17.49
N HIS A 31 -11.11 -34.96 -17.82
CA HIS A 31 -10.85 -34.30 -19.10
C HIS A 31 -9.40 -33.81 -19.22
N LEU A 32 -8.80 -33.43 -18.09
CA LEU A 32 -7.39 -33.09 -18.05
C LEU A 32 -6.52 -34.33 -18.30
N LEU A 33 -6.92 -35.45 -17.71
CA LEU A 33 -6.23 -36.73 -17.89
C LEU A 33 -6.26 -37.19 -19.34
N LYS A 34 -7.41 -37.02 -19.99
CA LYS A 34 -7.56 -37.34 -21.40
C LYS A 34 -6.65 -36.46 -22.27
N LEU A 35 -6.49 -35.21 -21.86
CA LEU A 35 -5.64 -34.26 -22.59
C LEU A 35 -4.15 -34.53 -22.40
N THR A 36 -3.77 -35.06 -21.23
CA THR A 36 -2.38 -35.43 -20.98
C THR A 36 -2.00 -36.69 -21.76
N VAL A 37 -2.93 -37.64 -21.82
CA VAL A 37 -2.76 -38.86 -22.62
C VAL A 37 -2.61 -38.48 -24.10
N TRP A 38 -3.43 -37.54 -24.55
CA TRP A 38 -3.39 -37.04 -25.92
C TRP A 38 -2.01 -36.48 -26.28
N GLY A 39 -1.43 -35.73 -25.36
CA GLY A 39 -0.10 -35.14 -25.55
C GLY A 39 1.00 -36.17 -25.63
N ILE A 40 0.90 -37.21 -24.80
CA ILE A 40 1.87 -38.31 -24.77
C ILE A 40 1.81 -39.13 -26.06
N LYS A 41 0.59 -39.42 -26.52
CA LYS A 41 0.38 -40.15 -27.78
C LYS A 41 0.84 -39.34 -28.99
N GLN A 42 0.79 -38.01 -28.86
CA GLN A 42 1.24 -37.11 -29.91
C GLN A 42 2.76 -37.14 -30.04
N LEU A 43 3.44 -37.21 -28.91
CA LEU A 43 4.91 -37.28 -28.87
C LEU A 43 5.42 -38.68 -29.19
N GLN A 44 4.59 -39.69 -28.94
CA GLN A 44 4.91 -41.08 -29.22
C GLN A 44 4.97 -41.35 -30.73
N ALA A 45 4.20 -40.58 -31.50
CA ALA A 45 4.17 -40.70 -32.95
C ALA A 45 5.47 -40.21 -33.59
N ARG A 46 6.12 -39.23 -32.95
CA ARG A 46 7.38 -38.68 -33.43
C ARG A 46 8.55 -39.62 -33.13
N VAL A 47 8.97 -39.66 -31.87
CA VAL A 47 10.06 -40.54 -31.43
C VAL A 47 9.62 -41.34 -30.20
N TRP A 55 -2.18 -28.26 -31.65
CA TRP A 55 -1.26 -28.24 -30.51
C TRP A 55 -1.39 -26.94 -29.70
N LEU A 56 -1.75 -25.86 -30.39
CA LEU A 56 -1.99 -24.57 -29.74
C LEU A 56 -3.30 -24.58 -28.96
N GLN A 57 -4.30 -25.27 -29.51
CA GLN A 57 -5.61 -25.43 -28.87
C GLN A 57 -5.51 -26.29 -27.61
N TRP A 58 -4.51 -27.16 -27.57
CA TRP A 58 -4.24 -27.99 -26.40
C TRP A 58 -3.89 -27.15 -25.18
N ASP A 59 -3.08 -26.11 -25.38
CA ASP A 59 -2.68 -25.19 -24.31
C ASP A 59 -3.86 -24.41 -23.75
N LYS A 60 -4.78 -24.04 -24.64
CA LYS A 60 -5.99 -23.32 -24.25
C LYS A 60 -6.96 -24.23 -23.49
N GLU A 61 -7.12 -25.46 -24.00
CA GLU A 61 -8.00 -26.45 -23.38
C GLU A 61 -7.53 -26.87 -21.99
N ILE A 62 -6.21 -27.03 -21.82
CA ILE A 62 -5.61 -27.31 -20.52
C ILE A 62 -5.90 -26.16 -19.54
N SER A 63 -5.74 -24.93 -20.03
CA SER A 63 -6.03 -23.73 -19.24
C SER A 63 -7.51 -23.64 -18.89
N ASN A 64 -8.38 -23.98 -19.84
CA ASN A 64 -9.83 -23.93 -19.66
C ASN A 64 -10.33 -24.80 -18.50
N TYR A 65 -9.91 -26.06 -18.47
CA TYR A 65 -10.33 -27.01 -17.44
C TYR A 65 -9.75 -26.68 -16.07
N THR A 66 -8.52 -26.19 -16.04
CA THR A 66 -7.84 -25.81 -14.80
C THR A 66 -8.62 -24.71 -14.08
N HIS A 67 -9.15 -23.75 -14.83
CA HIS A 67 -10.01 -22.70 -14.31
C HIS A 67 -11.26 -23.27 -13.64
N ILE A 68 -11.87 -24.27 -14.27
CA ILE A 68 -13.07 -24.91 -13.75
C ILE A 68 -12.78 -25.68 -12.47
N ILE A 69 -11.65 -26.39 -12.45
CA ILE A 69 -11.25 -27.20 -11.30
C ILE A 69 -10.94 -26.35 -10.07
N TYR A 70 -10.12 -25.31 -10.23
CA TYR A 70 -9.74 -24.46 -9.11
C TYR A 70 -10.88 -23.58 -8.59
N GLU A 71 -11.83 -23.26 -9.46
CA GLU A 71 -13.06 -22.58 -9.04
C GLU A 71 -13.92 -23.52 -8.19
N LEU A 72 -13.91 -24.80 -8.55
CA LEU A 72 -14.63 -25.83 -7.80
C LEU A 72 -13.96 -26.18 -6.48
N ILE A 73 -12.62 -26.19 -6.49
CA ILE A 73 -11.85 -26.44 -5.27
C ILE A 73 -12.08 -25.31 -4.27
N GLU A 74 -11.99 -24.06 -4.76
CA GLU A 74 -12.27 -22.88 -3.95
C GLU A 74 -13.66 -22.97 -3.28
N GLU A 75 -14.67 -23.29 -4.09
CA GLU A 75 -16.03 -23.45 -3.61
C GLU A 75 -16.16 -24.61 -2.62
N SER A 76 -15.45 -25.70 -2.92
CA SER A 76 -15.44 -26.88 -2.05
C SER A 76 -14.78 -26.62 -0.71
N GLN A 77 -13.74 -25.78 -0.72
CA GLN A 77 -13.06 -25.37 0.50
C GLN A 77 -13.98 -24.53 1.38
N LYS A 78 -14.72 -23.62 0.75
CA LYS A 78 -15.69 -22.77 1.43
C LYS A 78 -16.84 -23.60 2.00
N GLN A 79 -17.33 -24.54 1.21
CA GLN A 79 -18.43 -25.41 1.62
C GLN A 79 -18.01 -26.36 2.74
N GLN A 80 -16.76 -26.83 2.69
CA GLN A 80 -16.22 -27.74 3.69
C GLN A 80 -16.15 -27.06 5.06
N GLU A 81 -15.81 -25.78 5.06
CA GLU A 81 -15.72 -25.00 6.29
C GLU A 81 -17.09 -24.67 6.88
N LYS A 82 -18.08 -24.48 6.00
CA LYS A 82 -19.46 -24.25 6.42
C LYS A 82 -20.04 -25.48 7.12
N ASN A 83 -19.72 -26.66 6.59
CA ASN A 83 -20.18 -27.92 7.14
C ASN A 83 -19.55 -28.23 8.50
N GLU A 84 -18.26 -27.94 8.63
CA GLU A 84 -17.51 -28.18 9.86
C GLU A 84 -17.94 -27.26 11.00
N GLN A 85 -18.36 -26.04 10.67
CA GLN A 85 -18.84 -25.08 11.66
C GLN A 85 -20.24 -25.43 12.16
N GLU A 86 -21.09 -25.91 11.25
CA GLU A 86 -22.45 -26.31 11.58
C GLU A 86 -22.48 -27.58 12.42
N LEU A 87 -21.56 -28.50 12.13
CA LEU A 87 -21.41 -29.74 12.88
C LEU A 87 -21.00 -29.48 14.33
N LEU A 88 -20.13 -28.49 14.52
CA LEU A 88 -19.73 -28.06 15.86
C LEU A 88 -20.88 -27.38 16.58
N GLU A 89 -21.74 -26.69 15.82
CA GLU A 89 -22.92 -26.05 16.36
C GLU A 89 -23.98 -27.07 16.74
N LEU A 90 -24.12 -28.10 15.90
CA LEU A 90 -25.07 -29.20 16.14
C LEU A 90 -24.67 -30.01 17.37
N ASP A 91 -23.37 -30.22 17.53
CA ASP A 91 -22.83 -30.94 18.69
C ASP A 91 -22.98 -30.10 19.96
N LYS A 92 -22.92 -28.78 19.82
CA LYS A 92 -23.09 -27.85 20.93
C LYS A 92 -24.52 -27.86 21.47
N TRP A 93 -25.49 -27.88 20.56
CA TRP A 93 -26.91 -27.89 20.94
C TRP A 93 -27.39 -29.26 21.42
N ALA A 94 -26.67 -30.31 21.05
CA ALA A 94 -27.00 -31.68 21.46
C ALA A 94 -26.61 -31.96 22.91
N ASN A 95 -25.41 -31.54 23.29
CA ASN A 95 -24.89 -31.75 24.64
C ASN A 95 -25.39 -30.70 25.65
N VAL B 3 10.41 -5.74 -5.00
CA VAL B 3 11.27 -6.20 -6.13
C VAL B 3 10.51 -6.14 -7.46
N LEU B 4 9.21 -6.43 -7.42
CA LEU B 4 8.37 -6.38 -8.60
C LEU B 4 8.04 -4.93 -8.97
N THR B 5 8.25 -4.59 -10.25
CA THR B 5 8.10 -3.22 -10.73
C THR B 5 6.69 -2.94 -11.24
N GLN B 6 6.06 -1.91 -10.69
CA GLN B 6 4.72 -1.47 -11.09
C GLN B 6 4.71 0.01 -11.43
N PRO B 7 3.95 0.40 -12.48
CA PRO B 7 3.75 1.82 -12.80
C PRO B 7 2.98 2.52 -11.69
N PRO B 8 3.32 3.79 -11.39
CA PRO B 8 2.72 4.54 -10.28
C PRO B 8 1.19 4.70 -10.41
N SER B 9 0.73 5.10 -11.59
CA SER B 9 -0.69 5.35 -11.84
C SER B 9 -1.08 5.16 -13.30
N VAL B 10 -2.26 4.59 -13.52
CA VAL B 10 -2.85 4.52 -14.84
C VAL B 10 -4.29 5.02 -14.77
N SER B 11 -4.64 5.93 -15.68
CA SER B 11 -5.97 6.53 -15.71
C SER B 11 -6.93 5.75 -16.62
N GLY B 12 -8.12 6.28 -16.82
CA GLY B 12 -9.11 5.67 -17.70
C GLY B 12 -10.52 6.19 -17.47
N THR B 13 -11.12 6.73 -18.52
CA THR B 13 -12.50 7.22 -18.46
C THR B 13 -13.49 6.06 -18.33
N PRO B 14 -14.66 6.30 -17.70
CA PRO B 14 -15.64 5.23 -17.44
C PRO B 14 -16.00 4.42 -18.68
N GLY B 15 -15.65 3.14 -18.66
CA GLY B 15 -15.93 2.23 -19.78
C GLY B 15 -14.71 1.68 -20.47
N GLN B 16 -13.58 2.35 -20.31
CA GLN B 16 -12.32 1.94 -20.96
C GLN B 16 -11.70 0.70 -20.32
N ARG B 17 -10.86 0.02 -21.09
CA ARG B 17 -10.06 -1.10 -20.59
C ARG B 17 -8.70 -0.58 -20.14
N VAL B 18 -8.29 -0.95 -18.93
CA VAL B 18 -7.05 -0.48 -18.34
C VAL B 18 -6.11 -1.65 -18.05
N THR B 19 -4.87 -1.55 -18.55
CA THR B 19 -3.87 -2.58 -18.34
C THR B 19 -2.81 -2.13 -17.32
N ILE B 20 -2.62 -2.94 -16.29
CA ILE B 20 -1.59 -2.70 -15.27
C ILE B 20 -0.45 -3.69 -15.47
N SER B 21 0.73 -3.17 -15.78
CA SER B 21 1.92 -4.01 -16.00
C SER B 21 2.62 -4.34 -14.69
N CYS B 22 3.39 -5.43 -14.70
CA CYS B 22 4.15 -5.87 -13.53
C CYS B 22 5.44 -6.56 -13.96
N SER B 23 6.52 -5.78 -14.03
CA SER B 23 7.83 -6.29 -14.44
C SER B 23 8.52 -7.05 -13.31
N GLY B 24 9.06 -8.22 -13.64
CA GLY B 24 9.73 -9.06 -12.66
C GLY B 24 10.95 -9.79 -13.21
N SER B 25 11.59 -10.57 -12.35
CA SER B 25 12.79 -11.34 -12.72
C SER B 25 12.42 -12.73 -13.22
N SER B 26 13.45 -13.49 -13.64
CA SER B 26 13.27 -14.88 -14.06
C SER B 26 13.09 -15.80 -12.86
N SER B 27 13.53 -15.34 -11.69
CA SER B 27 13.45 -16.11 -10.46
C SER B 27 12.04 -16.13 -9.87
N ASN B 28 11.32 -15.02 -10.01
CA ASN B 28 9.96 -14.90 -9.46
C ASN B 28 8.83 -15.16 -10.47
N ILE B 29 8.69 -14.26 -11.45
CA ILE B 29 7.60 -14.32 -12.42
C ILE B 29 7.81 -15.41 -13.47
N GLY B 30 8.98 -15.40 -14.13
CA GLY B 30 9.26 -16.30 -15.23
C GLY B 30 9.45 -17.76 -14.88
N ASN B 31 8.93 -18.16 -13.71
CA ASN B 31 8.99 -19.55 -13.26
C ASN B 31 7.81 -19.94 -12.39
N ASN B 32 7.21 -18.95 -11.73
CA ASN B 32 6.11 -19.20 -10.80
C ASN B 32 4.84 -18.37 -11.06
N TYR B 33 3.79 -18.65 -10.31
CA TYR B 33 2.48 -18.03 -10.48
C TYR B 33 2.47 -16.55 -10.11
N VAL B 34 1.55 -15.80 -10.72
CA VAL B 34 1.36 -14.38 -10.42
C VAL B 34 0.00 -14.17 -9.77
N TYR B 35 0.00 -13.43 -8.66
CA TYR B 35 -1.23 -13.12 -7.92
C TYR B 35 -1.48 -11.62 -7.92
N TRP B 36 -2.75 -11.23 -8.02
CA TRP B 36 -3.14 -9.82 -7.99
C TRP B 36 -4.09 -9.53 -6.84
N TYR B 37 -3.96 -8.35 -6.25
CA TYR B 37 -4.79 -7.95 -5.12
C TYR B 37 -5.40 -6.56 -5.34
N GLN B 38 -6.64 -6.39 -4.92
CA GLN B 38 -7.29 -5.08 -4.93
C GLN B 38 -7.45 -4.56 -3.51
N GLN B 39 -7.04 -3.31 -3.29
CA GLN B 39 -7.14 -2.68 -1.98
C GLN B 39 -7.89 -1.36 -2.05
N LEU B 40 -9.15 -1.37 -1.64
CA LEU B 40 -9.94 -0.15 -1.49
C LEU B 40 -9.45 0.56 -0.22
N PRO B 41 -9.30 1.90 -0.29
CA PRO B 41 -8.78 2.69 0.84
C PRO B 41 -9.48 2.37 2.16
N GLY B 42 -8.68 2.01 3.17
CA GLY B 42 -9.21 1.64 4.48
C GLY B 42 -9.31 0.14 4.67
N THR B 43 -9.73 -0.56 3.62
CA THR B 43 -9.95 -2.01 3.68
C THR B 43 -8.68 -2.82 3.43
N ALA B 44 -8.74 -4.11 3.80
CA ALA B 44 -7.64 -5.04 3.58
C ALA B 44 -7.54 -5.45 2.10
N PRO B 45 -6.31 -5.75 1.63
CA PRO B 45 -6.12 -6.21 0.25
C PRO B 45 -6.86 -7.51 -0.02
N LYS B 46 -7.87 -7.45 -0.88
CA LYS B 46 -8.65 -8.61 -1.29
C LYS B 46 -8.07 -9.23 -2.55
N LEU B 47 -8.11 -10.56 -2.63
CA LEU B 47 -7.60 -11.29 -3.79
C LEU B 47 -8.45 -11.05 -5.03
N LEU B 48 -7.80 -10.63 -6.10
CA LEU B 48 -8.49 -10.29 -7.35
C LEU B 48 -8.27 -11.36 -8.43
N ILE B 49 -7.01 -11.75 -8.63
CA ILE B 49 -6.62 -12.78 -9.59
C ILE B 49 -5.57 -13.69 -8.95
N TYR B 50 -5.80 -15.00 -9.00
CA TYR B 50 -4.86 -15.96 -8.42
C TYR B 50 -4.37 -17.01 -9.42
N LYS B 51 -3.18 -17.55 -9.17
CA LYS B 51 -2.60 -18.66 -9.94
C LYS B 51 -2.67 -18.44 -11.45
N ASN B 52 -2.12 -17.31 -11.92
CA ASN B 52 -2.09 -16.96 -13.35
C ASN B 52 -3.44 -17.02 -14.05
N ASN B 53 -4.24 -15.96 -13.89
CA ASN B 53 -5.50 -15.78 -14.62
C ASN B 53 -6.78 -16.31 -13.95
N ILE B 54 -6.64 -17.26 -13.02
CA ILE B 54 -7.81 -17.85 -12.35
C ILE B 54 -8.45 -16.85 -11.38
N ARG B 55 -9.79 -16.84 -11.36
CA ARG B 55 -10.56 -15.82 -10.66
C ARG B 55 -11.35 -16.37 -9.48
N PRO B 56 -11.29 -15.70 -8.32
CA PRO B 56 -12.08 -16.07 -7.14
C PRO B 56 -13.57 -15.78 -7.33
N SER B 57 -14.40 -16.39 -6.47
CA SER B 57 -15.85 -16.22 -6.53
C SER B 57 -16.26 -14.82 -6.08
N GLY B 58 -16.99 -14.12 -6.93
CA GLY B 58 -17.45 -12.76 -6.64
C GLY B 58 -16.84 -11.72 -7.56
N VAL B 59 -15.57 -11.92 -7.92
CA VAL B 59 -14.85 -11.02 -8.81
C VAL B 59 -15.46 -11.09 -10.22
N PRO B 60 -15.86 -9.93 -10.77
CA PRO B 60 -16.50 -9.85 -12.10
C PRO B 60 -15.61 -10.32 -13.25
N ASP B 61 -16.24 -10.78 -14.32
CA ASP B 61 -15.56 -11.31 -15.51
C ASP B 61 -14.68 -10.26 -16.20
N ARG B 62 -15.01 -8.98 -16.00
CA ARG B 62 -14.28 -7.86 -16.59
C ARG B 62 -12.80 -7.78 -16.20
N PHE B 63 -12.48 -8.33 -15.03
CA PHE B 63 -11.08 -8.43 -14.58
C PHE B 63 -10.43 -9.67 -15.19
N SER B 64 -9.25 -9.49 -15.77
CA SER B 64 -8.53 -10.58 -16.41
C SER B 64 -7.01 -10.45 -16.28
N GLY B 65 -6.39 -11.47 -15.71
CA GLY B 65 -4.94 -11.51 -15.55
C GLY B 65 -4.24 -12.27 -16.65
N SER B 66 -3.10 -11.76 -17.11
CA SER B 66 -2.33 -12.41 -18.15
C SER B 66 -0.83 -12.41 -17.81
N LYS B 67 -0.09 -13.30 -18.45
CA LYS B 67 1.35 -13.45 -18.20
C LYS B 67 2.08 -13.93 -19.45
N SER B 68 3.19 -13.27 -19.76
CA SER B 68 4.03 -13.65 -20.90
C SER B 68 5.51 -13.40 -20.57
N GLY B 69 6.22 -14.47 -20.28
CA GLY B 69 7.65 -14.39 -19.95
C GLY B 69 7.89 -14.01 -18.50
N THR B 70 8.66 -12.94 -18.31
CA THR B 70 9.01 -12.46 -16.97
C THR B 70 8.18 -11.24 -16.56
N SER B 71 7.19 -10.90 -17.39
CA SER B 71 6.31 -9.77 -17.13
C SER B 71 4.83 -10.16 -17.20
N ALA B 72 4.07 -9.74 -16.20
CA ALA B 72 2.64 -10.04 -16.12
C ALA B 72 1.80 -8.76 -16.20
N SER B 73 0.55 -8.90 -16.65
CA SER B 73 -0.34 -7.75 -16.79
C SER B 73 -1.77 -8.06 -16.35
N LEU B 74 -2.40 -7.07 -15.72
CA LEU B 74 -3.80 -7.17 -15.27
C LEU B 74 -4.69 -6.23 -16.08
N ALA B 75 -5.67 -6.81 -16.78
CA ALA B 75 -6.58 -6.05 -17.61
C ALA B 75 -7.93 -5.83 -16.91
N ILE B 76 -8.33 -4.56 -16.83
CA ILE B 76 -9.62 -4.19 -16.24
C ILE B 76 -10.49 -3.51 -17.30
N SER B 77 -11.42 -4.28 -17.88
CA SER B 77 -12.32 -3.78 -18.91
C SER B 77 -13.59 -3.21 -18.29
N GLY B 78 -14.16 -2.19 -18.94
CA GLY B 78 -15.39 -1.55 -18.46
C GLY B 78 -15.25 -0.99 -17.06
N LEU B 79 -14.54 0.13 -16.95
CA LEU B 79 -14.21 0.72 -15.66
C LEU B 79 -15.42 1.38 -15.00
N ARG B 80 -15.54 1.18 -13.69
CA ARG B 80 -16.61 1.78 -12.89
C ARG B 80 -16.03 2.47 -11.66
N SER B 81 -16.86 3.28 -10.99
CA SER B 81 -16.45 4.02 -9.80
C SER B 81 -16.08 3.14 -8.61
N GLU B 82 -16.41 1.85 -8.69
CA GLU B 82 -16.08 0.88 -7.65
C GLU B 82 -14.63 0.39 -7.77
N ASP B 83 -14.04 0.58 -8.94
CA ASP B 83 -12.70 0.05 -9.24
C ASP B 83 -11.55 0.96 -8.82
N GLU B 84 -11.87 2.19 -8.41
CA GLU B 84 -10.87 3.17 -8.00
C GLU B 84 -10.15 2.71 -6.72
N ALA B 85 -9.05 1.99 -6.88
CA ALA B 85 -8.32 1.39 -5.76
C ALA B 85 -6.83 1.21 -6.06
N ASP B 86 -6.10 0.64 -5.09
CA ASP B 86 -4.69 0.29 -5.26
C ASP B 86 -4.57 -1.19 -5.61
N TYR B 87 -3.74 -1.48 -6.62
CA TYR B 87 -3.57 -2.85 -7.09
C TYR B 87 -2.12 -3.32 -6.95
N TYR B 88 -1.95 -4.55 -6.47
CA TYR B 88 -0.62 -5.10 -6.18
C TYR B 88 -0.44 -6.48 -6.81
N CYS B 89 0.66 -6.66 -7.55
CA CYS B 89 1.03 -7.96 -8.09
C CYS B 89 1.96 -8.69 -7.13
N ALA B 90 1.83 -10.02 -7.08
CA ALA B 90 2.62 -10.84 -6.17
C ALA B 90 3.06 -12.15 -6.82
N ALA B 91 4.22 -12.65 -6.38
CA ALA B 91 4.76 -13.92 -6.87
C ALA B 91 5.67 -14.56 -5.83
N TRP B 92 5.81 -15.89 -5.91
CA TRP B 92 6.72 -16.62 -5.05
C TRP B 92 8.12 -16.61 -5.65
N ASP B 93 9.11 -16.18 -4.87
CA ASP B 93 10.45 -15.97 -5.37
C ASP B 93 11.46 -16.98 -4.81
N ASP B 94 12.28 -17.53 -5.70
CA ASP B 94 13.31 -18.50 -5.33
C ASP B 94 14.57 -17.82 -4.80
N SER B 95 14.71 -16.53 -5.10
CA SER B 95 15.88 -15.75 -4.72
C SER B 95 16.04 -15.62 -3.20
N LEU B 96 17.28 -15.39 -2.77
CA LEU B 96 17.63 -15.31 -1.34
C LEU B 96 17.01 -14.08 -0.64
N SER B 97 16.22 -13.31 -1.38
CA SER B 97 15.50 -12.16 -0.83
C SER B 97 14.37 -12.60 0.10
N GLY B 98 13.81 -13.77 -0.18
CA GLY B 98 12.71 -14.32 0.62
C GLY B 98 11.53 -14.75 -0.24
N PRO B 99 10.71 -15.68 0.29
CA PRO B 99 9.51 -16.14 -0.42
C PRO B 99 8.40 -15.09 -0.40
N TYR B 100 7.54 -15.13 -1.41
CA TYR B 100 6.40 -14.22 -1.55
C TYR B 100 6.82 -12.75 -1.67
N VAL B 101 7.02 -12.31 -2.90
CA VAL B 101 7.41 -10.93 -3.19
C VAL B 101 6.23 -10.16 -3.76
N PHE B 102 5.99 -8.96 -3.23
CA PHE B 102 4.90 -8.10 -3.69
C PHE B 102 5.44 -6.94 -4.52
N GLY B 103 4.56 -6.34 -5.31
CA GLY B 103 4.89 -5.16 -6.10
C GLY B 103 4.72 -3.88 -5.30
N ALA B 104 5.11 -2.76 -5.90
CA ALA B 104 5.01 -1.45 -5.25
C ALA B 104 3.56 -1.00 -5.14
N GLY B 105 2.81 -1.13 -6.23
CA GLY B 105 1.41 -0.75 -6.27
C GLY B 105 1.07 0.22 -7.39
N THR B 106 -0.14 0.11 -7.91
CA THR B 106 -0.63 0.99 -8.97
C THR B 106 -1.96 1.62 -8.55
N LYS B 107 -2.02 2.95 -8.61
CA LYS B 107 -3.23 3.69 -8.30
C LYS B 107 -4.08 3.83 -9.57
N LEU B 108 -5.30 3.32 -9.51
CA LEU B 108 -6.23 3.38 -10.64
C LEU B 108 -7.29 4.45 -10.40
N THR B 109 -7.43 5.37 -11.35
CA THR B 109 -8.36 6.48 -11.23
C THR B 109 -9.46 6.40 -12.29
N VAL B 110 -10.70 6.58 -11.85
CA VAL B 110 -11.88 6.59 -12.74
C VAL B 110 -11.89 7.89 -13.55
N LEU B 111 -11.34 8.95 -12.96
CA LEU B 111 -11.09 10.22 -13.66
C LEU B 111 -12.37 10.93 -14.11
N GLY B 112 -12.99 11.66 -13.17
CA GLY B 112 -14.19 12.44 -13.45
C GLY B 112 -13.86 13.85 -13.88
N GLN B 113 -13.06 14.53 -13.06
CA GLN B 113 -12.59 15.88 -13.37
C GLN B 113 -11.49 15.86 -14.43
N PRO B 114 -11.41 16.91 -15.27
CA PRO B 114 -10.39 17.00 -16.32
C PRO B 114 -8.96 17.03 -15.77
N LYS B 115 -8.00 16.65 -16.61
CA LYS B 115 -6.59 16.58 -16.22
C LYS B 115 -5.98 17.95 -15.97
N ALA B 116 -5.27 18.07 -14.85
CA ALA B 116 -4.68 19.34 -14.43
C ALA B 116 -3.16 19.25 -14.28
N ALA B 117 -2.46 20.28 -14.76
CA ALA B 117 -1.01 20.36 -14.66
C ALA B 117 -0.57 20.79 -13.26
N PRO B 118 0.42 20.09 -12.68
CA PRO B 118 0.87 20.38 -11.31
C PRO B 118 1.61 21.72 -11.18
N SER B 119 1.27 22.48 -10.15
CA SER B 119 1.94 23.73 -9.84
C SER B 119 2.95 23.51 -8.71
N VAL B 120 4.23 23.67 -9.03
CA VAL B 120 5.30 23.38 -8.08
C VAL B 120 5.91 24.67 -7.54
N THR B 121 5.99 24.77 -6.21
CA THR B 121 6.60 25.92 -5.54
C THR B 121 7.66 25.45 -4.55
N LEU B 122 8.92 25.81 -4.83
CA LEU B 122 10.04 25.40 -3.99
C LEU B 122 10.61 26.57 -3.20
N PHE B 123 10.79 26.35 -1.89
CA PHE B 123 11.35 27.37 -1.01
C PHE B 123 12.72 26.95 -0.48
N PRO B 124 13.69 27.89 -0.48
CA PRO B 124 15.02 27.64 0.07
C PRO B 124 15.01 27.51 1.59
N PRO B 125 16.04 26.85 2.18
CA PRO B 125 16.15 26.74 3.64
C PRO B 125 16.05 28.11 4.32
N SER B 126 15.24 28.18 5.37
CA SER B 126 14.95 29.42 6.08
C SER B 126 16.20 30.05 6.69
N SER B 127 16.27 31.38 6.64
CA SER B 127 17.36 32.15 7.23
C SER B 127 17.40 32.00 8.75
N GLU B 128 16.22 31.82 9.34
CA GLU B 128 16.08 31.57 10.77
C GLU B 128 16.54 30.16 11.12
N GLU B 129 16.33 29.22 10.20
CA GLU B 129 16.71 27.83 10.39
C GLU B 129 18.21 27.62 10.29
N LEU B 130 18.87 28.43 9.46
CA LEU B 130 20.32 28.35 9.25
C LEU B 130 21.11 28.72 10.51
N GLN B 131 20.49 29.50 11.39
CA GLN B 131 21.10 29.90 12.65
C GLN B 131 21.04 28.78 13.69
N ALA B 132 20.14 27.82 13.47
CA ALA B 132 19.96 26.68 14.39
C ALA B 132 20.64 25.41 13.86
N ASN B 133 21.62 25.58 12.98
CA ASN B 133 22.39 24.49 12.37
C ASN B 133 21.53 23.41 11.68
N LYS B 134 20.59 23.87 10.87
CA LYS B 134 19.69 22.97 10.13
C LYS B 134 19.26 23.59 8.80
N ALA B 135 19.07 22.73 7.79
CA ALA B 135 18.61 23.17 6.48
C ALA B 135 17.56 22.21 5.92
N THR B 136 16.40 22.78 5.56
CA THR B 136 15.28 21.99 5.04
C THR B 136 14.68 22.65 3.80
N LEU B 137 14.60 21.88 2.72
CA LEU B 137 13.99 22.35 1.47
C LEU B 137 12.52 21.93 1.40
N VAL B 138 11.65 22.89 1.15
CA VAL B 138 10.21 22.63 1.10
C VAL B 138 9.67 22.71 -0.32
N CYS B 139 9.32 21.55 -0.87
CA CYS B 139 8.72 21.44 -2.19
C CYS B 139 7.23 21.17 -2.04
N LEU B 140 6.41 22.05 -2.61
CA LEU B 140 4.96 21.94 -2.48
C LEU B 140 4.26 21.90 -3.84
N ILE B 141 3.47 20.86 -4.04
CA ILE B 141 2.76 20.65 -5.30
C ILE B 141 1.26 20.85 -5.09
N SER B 142 0.65 21.69 -5.93
CA SER B 142 -0.78 22.00 -5.81
C SER B 142 -1.53 21.85 -7.13
N ASP B 143 -2.78 21.42 -7.03
CA ASP B 143 -3.71 21.30 -8.17
C ASP B 143 -3.21 20.41 -9.31
N PHE B 144 -3.45 19.11 -9.18
CA PHE B 144 -3.12 18.13 -10.23
C PHE B 144 -4.06 16.92 -10.19
N TYR B 145 -4.31 16.34 -11.36
CA TYR B 145 -5.16 15.15 -11.50
C TYR B 145 -4.66 14.26 -12.63
N PRO B 146 -4.59 12.93 -12.39
CA PRO B 146 -4.92 12.21 -11.16
C PRO B 146 -3.92 12.45 -10.02
N GLY B 147 -4.29 12.02 -8.82
CA GLY B 147 -3.47 12.24 -7.62
C GLY B 147 -2.36 11.24 -7.41
N ALA B 148 -1.36 11.30 -8.29
CA ALA B 148 -0.16 10.47 -8.18
C ALA B 148 1.03 11.17 -8.82
N VAL B 149 2.01 11.51 -7.99
CA VAL B 149 3.21 12.23 -8.44
C VAL B 149 4.50 11.65 -7.86
N THR B 150 5.54 11.58 -8.70
CA THR B 150 6.85 11.11 -8.27
C THR B 150 7.84 12.28 -8.22
N VAL B 151 8.35 12.55 -7.02
CA VAL B 151 9.29 13.65 -6.80
C VAL B 151 10.73 13.13 -6.85
N ALA B 152 11.55 13.76 -7.69
CA ALA B 152 12.96 13.41 -7.83
C ALA B 152 13.85 14.64 -7.60
N TRP B 153 14.55 14.64 -6.46
CA TRP B 153 15.44 15.74 -6.10
C TRP B 153 16.76 15.65 -6.86
N LYS B 154 17.38 16.80 -7.10
CA LYS B 154 18.64 16.87 -7.84
C LYS B 154 19.60 17.92 -7.25
N ALA B 155 20.84 17.50 -7.03
CA ALA B 155 21.89 18.39 -6.55
C ALA B 155 23.06 18.41 -7.52
N ASP B 156 23.13 19.48 -8.32
CA ASP B 156 24.14 19.64 -9.37
C ASP B 156 24.25 18.41 -10.28
N SER B 157 23.11 18.03 -10.87
CA SER B 157 22.98 16.87 -11.77
C SER B 157 22.92 15.51 -11.06
N SER B 158 23.30 15.47 -9.79
CA SER B 158 23.30 14.23 -9.01
C SER B 158 21.98 14.04 -8.26
N PRO B 159 21.36 12.85 -8.40
CA PRO B 159 20.09 12.55 -7.73
C PRO B 159 20.25 12.32 -6.22
N ILE B 160 19.22 12.65 -5.46
CA ILE B 160 19.22 12.47 -4.00
C ILE B 160 18.13 11.46 -3.60
N LYS B 161 18.53 10.45 -2.84
CA LYS B 161 17.61 9.41 -2.39
C LYS B 161 17.37 9.45 -0.88
N ALA B 162 18.45 9.63 -0.12
CA ALA B 162 18.38 9.65 1.35
C ALA B 162 17.89 10.98 1.90
N GLY B 163 17.15 10.91 3.01
CA GLY B 163 16.65 12.11 3.69
C GLY B 163 15.50 12.79 2.97
N VAL B 164 14.70 12.00 2.26
CA VAL B 164 13.55 12.51 1.51
C VAL B 164 12.25 11.95 2.08
N GLU B 165 11.28 12.84 2.31
CA GLU B 165 9.96 12.44 2.77
C GLU B 165 8.88 12.98 1.83
N THR B 166 8.00 12.10 1.37
CA THR B 166 6.96 12.46 0.41
C THR B 166 5.58 11.98 0.89
N THR B 167 4.61 12.90 0.88
CA THR B 167 3.24 12.59 1.28
C THR B 167 2.42 11.98 0.14
N THR B 168 1.43 11.18 0.51
CA THR B 168 0.45 10.67 -0.43
C THR B 168 -0.49 11.82 -0.81
N PRO B 169 -0.65 12.09 -2.13
CA PRO B 169 -1.47 13.20 -2.62
C PRO B 169 -2.86 13.28 -1.98
N SER B 170 -3.12 14.38 -1.29
CA SER B 170 -4.39 14.60 -0.60
C SER B 170 -5.35 15.46 -1.42
N LYS B 171 -6.64 15.14 -1.34
CA LYS B 171 -7.68 15.83 -2.10
C LYS B 171 -7.96 17.24 -1.59
N GLN B 172 -8.11 18.18 -2.52
CA GLN B 172 -8.40 19.57 -2.21
C GLN B 172 -9.91 19.84 -2.21
N SER B 173 -10.28 21.09 -1.95
CA SER B 173 -11.69 21.52 -1.95
C SER B 173 -12.28 21.55 -3.35
N ASN B 174 -11.44 21.87 -4.34
CA ASN B 174 -11.86 21.95 -5.74
C ASN B 174 -11.69 20.64 -6.50
N ASN B 175 -11.71 19.53 -5.76
CA ASN B 175 -11.53 18.17 -6.30
C ASN B 175 -10.17 17.91 -6.97
N LYS B 176 -9.20 18.77 -6.68
CA LYS B 176 -7.82 18.60 -7.15
C LYS B 176 -7.00 17.86 -6.09
N TYR B 177 -5.69 17.75 -6.31
CA TYR B 177 -4.81 17.06 -5.37
C TYR B 177 -3.58 17.89 -4.98
N ALA B 178 -3.02 17.56 -3.82
CA ALA B 178 -1.85 18.27 -3.29
C ALA B 178 -0.90 17.32 -2.54
N ALA B 179 0.39 17.46 -2.81
CA ALA B 179 1.42 16.64 -2.18
C ALA B 179 2.63 17.47 -1.75
N SER B 180 3.27 17.05 -0.67
CA SER B 180 4.43 17.75 -0.12
C SER B 180 5.71 16.91 -0.17
N SER B 181 6.84 17.58 -0.34
CA SER B 181 8.15 16.91 -0.36
C SER B 181 9.18 17.71 0.44
N TYR B 182 9.89 17.01 1.32
CA TYR B 182 10.88 17.64 2.21
C TYR B 182 12.25 16.96 2.11
N LEU B 183 13.30 17.76 2.22
CA LEU B 183 14.67 17.25 2.17
C LEU B 183 15.51 17.82 3.31
N SER B 184 16.02 16.93 4.16
CA SER B 184 16.85 17.31 5.30
C SER B 184 18.33 17.21 4.98
N LEU B 185 19.04 18.33 5.12
CA LEU B 185 20.48 18.38 4.85
C LEU B 185 21.21 19.27 5.86
N THR B 186 22.52 19.04 5.98
CA THR B 186 23.39 19.88 6.82
C THR B 186 23.68 21.20 6.12
N PRO B 187 23.78 22.30 6.89
CA PRO B 187 24.07 23.63 6.34
C PRO B 187 25.38 23.71 5.56
N GLU B 188 26.31 22.79 5.85
CA GLU B 188 27.60 22.72 5.18
C GLU B 188 27.49 22.15 3.76
N GLN B 189 26.43 21.39 3.51
CA GLN B 189 26.20 20.76 2.20
C GLN B 189 25.35 21.63 1.27
N TRP B 190 24.58 22.54 1.86
CA TRP B 190 23.69 23.43 1.11
C TRP B 190 24.45 24.52 0.35
N LYS B 191 25.43 25.14 1.00
CA LYS B 191 26.20 26.23 0.42
C LYS B 191 27.28 25.76 -0.55
N SER B 192 27.64 24.49 -0.47
CA SER B 192 28.69 23.90 -1.30
C SER B 192 28.26 23.70 -2.75
N HIS B 193 27.05 23.16 -2.95
CA HIS B 193 26.51 22.90 -4.27
C HIS B 193 26.04 24.19 -4.96
N ARG B 194 26.01 24.16 -6.29
CA ARG B 194 25.65 25.33 -7.10
C ARG B 194 24.16 25.63 -7.07
N SER B 195 23.34 24.64 -7.42
CA SER B 195 21.88 24.81 -7.47
C SER B 195 21.12 23.50 -7.23
N TYR B 196 20.06 23.60 -6.42
CA TYR B 196 19.18 22.47 -6.14
C TYR B 196 17.89 22.56 -6.97
N SER B 197 17.34 21.39 -7.31
CA SER B 197 16.13 21.32 -8.13
C SER B 197 15.14 20.29 -7.61
N CYS B 198 13.86 20.65 -7.65
CA CYS B 198 12.77 19.73 -7.29
C CYS B 198 11.95 19.36 -8.52
N GLN B 199 12.28 18.24 -9.13
CA GLN B 199 11.57 17.75 -10.31
C GLN B 199 10.36 16.90 -9.92
N VAL B 200 9.20 17.23 -10.49
CA VAL B 200 7.96 16.53 -10.18
C VAL B 200 7.41 15.84 -11.43
N THR B 201 7.34 14.51 -11.39
CA THR B 201 6.84 13.71 -12.50
C THR B 201 5.34 13.46 -12.35
N HIS B 202 4.59 13.85 -13.38
CA HIS B 202 3.14 13.65 -13.40
C HIS B 202 2.66 13.18 -14.77
N GLU B 203 2.37 11.88 -14.86
CA GLU B 203 1.89 11.24 -16.09
C GLU B 203 2.77 11.52 -17.31
N GLY B 204 4.09 11.34 -17.14
CA GLY B 204 5.05 11.54 -18.22
C GLY B 204 5.77 12.89 -18.16
N SER B 205 5.00 13.95 -17.93
CA SER B 205 5.54 15.31 -17.86
C SER B 205 6.30 15.56 -16.56
N THR B 206 7.45 16.22 -16.68
CA THR B 206 8.28 16.54 -15.52
C THR B 206 8.52 18.04 -15.43
N VAL B 207 8.15 18.62 -14.28
CA VAL B 207 8.34 20.05 -14.02
C VAL B 207 9.34 20.23 -12.87
N GLU B 208 10.42 20.96 -13.16
CA GLU B 208 11.48 21.18 -12.18
C GLU B 208 11.70 22.66 -11.89
N LYS B 209 11.67 23.01 -10.60
CA LYS B 209 11.95 24.37 -10.14
C LYS B 209 13.33 24.44 -9.48
N THR B 210 14.13 25.42 -9.88
CA THR B 210 15.52 25.53 -9.44
C THR B 210 15.71 26.67 -8.44
N VAL B 211 16.42 26.37 -7.35
CA VAL B 211 16.81 27.38 -6.36
C VAL B 211 18.33 27.44 -6.21
N ALA B 212 18.83 28.61 -5.81
CA ALA B 212 20.27 28.82 -5.64
C ALA B 212 20.60 29.56 -4.34
N PRO B 213 21.62 29.06 -3.60
CA PRO B 213 22.06 29.73 -2.36
C PRO B 213 22.74 31.06 -2.63
N ALA C 1 -16.53 -19.32 4.33
CA ALA C 1 -17.05 -19.39 5.73
C ALA C 1 -16.08 -18.78 6.73
N LEU C 2 -14.79 -18.99 6.51
CA LEU C 2 -13.75 -18.50 7.42
C LEU C 2 -13.52 -16.99 7.27
N GLN C 3 -13.59 -16.30 8.40
CA GLN C 3 -13.27 -14.88 8.49
C GLN C 3 -12.16 -14.68 9.51
N LEU C 4 -11.47 -13.55 9.44
CA LEU C 4 -10.39 -13.25 10.36
C LEU C 4 -10.57 -11.91 11.07
N VAL C 5 -10.74 -11.98 12.39
CA VAL C 5 -10.90 -10.78 13.22
C VAL C 5 -9.59 -10.49 13.95
N GLN C 6 -9.06 -9.28 13.74
CA GLN C 6 -7.83 -8.84 14.40
C GLN C 6 -8.12 -7.90 15.57
N SER C 7 -7.18 -7.85 16.51
CA SER C 7 -7.29 -6.96 17.66
C SER C 7 -5.91 -6.47 18.09
N GLY C 8 -5.89 -5.38 18.85
CA GLY C 8 -4.65 -4.80 19.35
C GLY C 8 -4.03 -3.82 18.39
N ALA C 9 -4.52 -2.57 18.44
CA ALA C 9 -3.95 -1.48 17.66
C ALA C 9 -3.32 -0.47 18.61
N GLU C 10 -2.05 -0.71 18.95
CA GLU C 10 -1.36 0.10 19.95
C GLU C 10 -0.11 0.81 19.44
N VAL C 11 0.40 1.74 20.25
CA VAL C 11 1.64 2.46 19.97
C VAL C 11 2.71 2.01 20.96
N LYS C 12 3.93 1.81 20.48
CA LYS C 12 5.04 1.38 21.32
C LYS C 12 6.33 2.15 21.02
N LYS C 13 7.15 2.34 22.05
CA LYS C 13 8.44 2.99 21.92
C LYS C 13 9.47 2.05 21.29
N ALA C 14 10.56 2.62 20.76
CA ALA C 14 11.61 1.86 20.10
C ALA C 14 12.30 0.88 21.05
N GLY C 15 12.29 -0.40 20.68
CA GLY C 15 12.88 -1.45 21.50
C GLY C 15 11.88 -2.05 22.49
N SER C 16 10.65 -2.27 22.01
CA SER C 16 9.58 -2.81 22.85
C SER C 16 8.85 -3.96 22.16
N SER C 17 8.24 -4.82 22.96
CA SER C 17 7.51 -5.99 22.45
C SER C 17 6.04 -5.66 22.17
N VAL C 18 5.55 -6.15 21.03
CA VAL C 18 4.16 -5.95 20.63
C VAL C 18 3.53 -7.28 20.26
N ARG C 19 2.39 -7.59 20.89
CA ARG C 19 1.65 -8.81 20.59
C ARG C 19 0.35 -8.50 19.84
N VAL C 20 0.21 -9.08 18.66
CA VAL C 20 -0.98 -8.91 17.82
C VAL C 20 -1.63 -10.27 17.55
N SER C 21 -2.93 -10.36 17.81
CA SER C 21 -3.67 -11.61 17.64
C SER C 21 -4.47 -11.66 16.34
N CYS C 22 -4.64 -12.88 15.82
CA CYS C 22 -5.45 -13.13 14.62
C CYS C 22 -6.45 -14.24 14.92
N LYS C 23 -7.64 -13.84 15.39
CA LYS C 23 -8.68 -14.79 15.79
C LYS C 23 -9.58 -15.13 14.60
N ALA C 24 -9.92 -16.42 14.49
CA ALA C 24 -10.74 -16.92 13.40
C ALA C 24 -12.21 -17.07 13.79
N SER C 25 -13.09 -16.67 12.89
CA SER C 25 -14.53 -16.78 13.11
C SER C 25 -15.22 -17.35 11.88
N GLY C 26 -16.15 -18.27 12.11
CA GLY C 26 -16.92 -18.89 11.02
C GLY C 26 -16.41 -20.26 10.61
N ALA C 27 -15.14 -20.55 10.93
CA ALA C 27 -14.52 -21.83 10.61
C ALA C 27 -13.24 -22.06 11.42
N THR C 28 -12.68 -23.27 11.29
CA THR C 28 -11.40 -23.62 11.90
C THR C 28 -10.33 -23.63 10.82
N PHE C 29 -9.14 -23.13 11.16
CA PHE C 29 -8.00 -23.20 10.24
C PHE C 29 -7.16 -24.45 10.50
N SER C 30 -7.80 -25.61 10.36
CA SER C 30 -7.18 -26.89 10.65
C SER C 30 -6.08 -27.26 9.65
N SER C 31 -6.48 -27.51 8.41
CA SER C 31 -5.57 -28.00 7.38
C SER C 31 -4.86 -26.87 6.64
N TYR C 32 -4.99 -25.64 7.14
CA TYR C 32 -4.46 -24.47 6.47
C TYR C 32 -3.30 -23.83 7.25
N SER C 33 -2.68 -22.83 6.64
CA SER C 33 -1.54 -22.13 7.23
C SER C 33 -1.69 -20.62 7.12
N ILE C 34 -1.77 -19.97 8.28
CA ILE C 34 -1.90 -18.51 8.34
C ILE C 34 -0.53 -17.84 8.29
N SER C 35 -0.40 -16.84 7.42
CA SER C 35 0.82 -16.06 7.29
C SER C 35 0.59 -14.60 7.69
N TRP C 36 1.67 -13.94 8.12
CA TRP C 36 1.62 -12.52 8.46
C TRP C 36 2.28 -11.67 7.37
N VAL C 37 1.63 -10.57 7.02
CA VAL C 37 2.12 -9.63 6.00
C VAL C 37 1.87 -8.20 6.47
N ARG C 38 2.92 -7.38 6.45
CA ARG C 38 2.79 -5.97 6.84
C ARG C 38 2.80 -5.03 5.65
N GLN C 39 2.24 -3.83 5.84
CA GLN C 39 2.24 -2.81 4.80
C GLN C 39 2.47 -1.43 5.42
N ALA C 40 3.60 -0.82 5.07
CA ALA C 40 3.93 0.53 5.50
C ALA C 40 3.01 1.55 4.82
N PRO C 41 2.60 2.62 5.55
CA PRO C 41 1.74 3.65 4.96
C PRO C 41 2.38 4.29 3.74
N GLY C 42 1.70 4.20 2.59
CA GLY C 42 2.22 4.71 1.33
C GLY C 42 2.90 3.63 0.52
N GLN C 43 3.72 2.82 1.17
CA GLN C 43 4.43 1.71 0.52
C GLN C 43 3.55 0.48 0.35
N GLY C 44 4.06 -0.52 -0.36
CA GLY C 44 3.34 -1.77 -0.61
C GLY C 44 3.52 -2.81 0.49
N PRO C 45 2.81 -3.95 0.36
CA PRO C 45 2.89 -5.05 1.34
C PRO C 45 4.22 -5.81 1.31
N GLN C 46 4.52 -6.48 2.42
CA GLN C 46 5.75 -7.26 2.58
C GLN C 46 5.49 -8.46 3.48
N TRP C 47 5.90 -9.63 3.02
CA TRP C 47 5.69 -10.88 3.75
C TRP C 47 6.56 -10.97 5.01
N MET C 48 5.91 -11.19 6.15
CA MET C 48 6.60 -11.27 7.44
C MET C 48 7.06 -12.70 7.71
N GLY C 49 6.09 -13.60 7.91
CA GLY C 49 6.36 -14.99 8.24
C GLY C 49 5.10 -15.83 8.20
N GLY C 50 5.26 -17.14 8.39
CA GLY C 50 4.14 -18.08 8.35
C GLY C 50 4.26 -19.22 9.34
N ILE C 51 3.10 -19.82 9.66
CA ILE C 51 3.02 -20.96 10.58
C ILE C 51 1.91 -21.94 10.20
N VAL C 52 2.15 -23.22 10.46
CA VAL C 52 1.15 -24.28 10.27
C VAL C 52 0.67 -24.73 11.66
N PRO C 53 -0.53 -24.29 12.06
CA PRO C 53 -1.09 -24.54 13.40
C PRO C 53 -1.25 -26.02 13.75
N SER C 54 -1.67 -26.83 12.77
CA SER C 54 -1.85 -28.26 12.98
C SER C 54 -0.54 -29.00 13.21
N SER C 55 0.52 -28.52 12.57
CA SER C 55 1.83 -29.14 12.65
C SER C 55 2.73 -28.48 13.70
N GLY C 56 2.87 -27.16 13.61
CA GLY C 56 3.76 -26.40 14.47
C GLY C 56 4.91 -25.78 13.69
N ALA C 57 4.96 -26.09 12.39
CA ALA C 57 6.00 -25.58 11.49
C ALA C 57 6.01 -24.06 11.42
N ALA C 58 7.18 -23.49 11.18
CA ALA C 58 7.35 -22.03 11.12
C ALA C 58 8.36 -21.61 10.06
N LYS C 59 8.06 -20.52 9.36
CA LYS C 59 8.97 -19.94 8.38
C LYS C 59 9.04 -18.43 8.56
N TYR C 60 10.26 -17.89 8.48
CA TYR C 60 10.51 -16.46 8.69
C TYR C 60 11.35 -15.85 7.58
N ALA C 61 11.07 -14.59 7.27
CA ALA C 61 11.85 -13.83 6.29
C ALA C 61 13.21 -13.44 6.87
N GLN C 62 14.21 -13.35 6.00
CA GLN C 62 15.60 -13.07 6.41
C GLN C 62 15.78 -11.73 7.14
N GLN C 63 14.88 -10.78 6.88
CA GLN C 63 14.91 -9.47 7.52
C GLN C 63 14.48 -9.52 8.99
N PHE C 64 13.63 -10.49 9.32
CA PHE C 64 13.01 -10.55 10.64
C PHE C 64 13.46 -11.75 11.49
N GLN C 65 14.24 -12.65 10.88
CA GLN C 65 14.74 -13.84 11.56
C GLN C 65 15.47 -13.51 12.86
N GLY C 66 14.99 -14.08 13.96
CA GLY C 66 15.56 -13.85 15.28
C GLY C 66 14.68 -13.00 16.16
N ARG C 67 14.33 -11.80 15.68
CA ARG C 67 13.48 -10.87 16.41
C ARG C 67 12.01 -11.31 16.38
N LEU C 68 11.59 -11.82 15.22
CA LEU C 68 10.20 -12.22 15.01
C LEU C 68 9.93 -13.65 15.49
N THR C 69 8.82 -13.80 16.21
CA THR C 69 8.34 -15.11 16.66
C THR C 69 6.82 -15.15 16.58
N ILE C 70 6.30 -16.11 15.83
CA ILE C 70 4.85 -16.29 15.67
C ILE C 70 4.39 -17.69 16.07
N THR C 71 3.31 -17.74 16.85
CA THR C 71 2.75 -18.99 17.34
C THR C 71 1.24 -19.04 17.16
N ALA C 72 0.70 -20.24 16.97
CA ALA C 72 -0.74 -20.44 16.81
C ALA C 72 -1.28 -21.44 17.83
N ASP C 73 -2.38 -21.06 18.49
CA ASP C 73 -3.06 -21.92 19.44
C ASP C 73 -4.32 -22.52 18.82
N THR C 74 -4.37 -23.85 18.78
CA THR C 74 -5.46 -24.56 18.10
C THR C 74 -6.72 -24.69 18.94
N SER C 75 -6.55 -24.71 20.27
CA SER C 75 -7.66 -24.89 21.21
C SER C 75 -8.62 -23.70 21.25
N THR C 76 -8.09 -22.51 20.95
CA THR C 76 -8.89 -21.28 20.91
C THR C 76 -8.98 -20.72 19.49
N ASN C 77 -8.24 -21.33 18.57
CA ASN C 77 -8.13 -20.87 17.18
C ASN C 77 -7.66 -19.43 17.06
N THR C 78 -6.45 -19.16 17.56
CA THR C 78 -5.87 -17.83 17.51
C THR C 78 -4.39 -17.88 17.17
N ALA C 79 -3.99 -17.05 16.21
CA ALA C 79 -2.59 -16.92 15.82
C ALA C 79 -2.02 -15.61 16.37
N TYR C 80 -0.78 -15.65 16.83
CA TYR C 80 -0.17 -14.50 17.49
C TYR C 80 1.12 -14.02 16.81
N LEU C 81 1.32 -12.70 16.82
CA LEU C 81 2.50 -12.07 16.27
C LEU C 81 3.27 -11.36 17.38
N GLU C 82 4.58 -11.56 17.43
CA GLU C 82 5.42 -10.93 18.44
C GLU C 82 6.74 -10.42 17.86
N LEU C 83 7.04 -9.15 18.12
CA LEU C 83 8.27 -8.52 17.65
C LEU C 83 9.12 -7.96 18.78
N SER C 84 10.32 -8.51 18.94
CA SER C 84 11.30 -8.00 19.90
C SER C 84 12.26 -7.05 19.21
N SER C 85 12.81 -6.11 19.98
CA SER C 85 13.72 -5.06 19.47
C SER C 85 13.07 -4.26 18.33
N LEU C 86 12.18 -3.36 18.72
CA LEU C 86 11.36 -2.59 17.77
C LEU C 86 12.13 -1.40 17.18
N ARG C 87 12.09 -1.29 15.86
CA ARG C 87 12.75 -0.19 15.15
C ARG C 87 11.73 0.80 14.58
N TYR C 88 12.18 2.02 14.28
CA TYR C 88 11.32 3.10 13.78
C TYR C 88 10.58 2.77 12.49
N ASP C 89 11.23 2.03 11.60
CA ASP C 89 10.67 1.70 10.29
C ASP C 89 9.61 0.59 10.33
N ASP C 90 9.36 0.04 11.52
CA ASP C 90 8.35 -1.01 11.71
C ASP C 90 6.92 -0.47 11.66
N THR C 91 6.78 0.85 11.75
CA THR C 91 5.47 1.51 11.70
C THR C 91 4.71 1.13 10.43
N ALA C 92 3.78 0.19 10.60
CA ALA C 92 3.02 -0.37 9.47
C ALA C 92 1.67 -0.94 9.90
N VAL C 93 0.84 -1.27 8.91
CA VAL C 93 -0.41 -1.97 9.14
C VAL C 93 -0.14 -3.47 8.97
N TYR C 94 -0.44 -4.25 10.01
CA TYR C 94 -0.12 -5.67 10.02
C TYR C 94 -1.34 -6.53 9.74
N TYR C 95 -1.20 -7.42 8.75
CA TYR C 95 -2.30 -8.28 8.32
C TYR C 95 -2.00 -9.76 8.53
N CYS C 96 -3.04 -10.55 8.78
CA CYS C 96 -2.93 -12.00 8.81
C CYS C 96 -3.82 -12.61 7.73
N THR C 97 -3.28 -13.60 7.01
CA THR C 97 -4.01 -14.25 5.92
C THR C 97 -3.50 -15.67 5.64
N ARG C 98 -4.43 -16.57 5.35
CA ARG C 98 -4.10 -17.98 5.12
C ARG C 98 -3.88 -18.32 3.64
N ASP C 99 -2.90 -19.18 3.37
CA ASP C 99 -2.68 -19.72 2.04
C ASP C 99 -3.61 -20.91 1.84
N ARG C 100 -4.30 -20.93 0.70
CA ARG C 100 -5.32 -21.95 0.42
C ARG C 100 -4.75 -23.25 -0.16
N SER C 101 -3.45 -23.47 0.04
CA SER C 101 -2.81 -24.72 -0.35
C SER C 101 -2.55 -25.58 0.89
N ARG C 102 -3.33 -26.64 1.03
CA ARG C 102 -3.21 -27.55 2.16
C ARG C 102 -1.97 -28.43 2.02
N VAL C 103 -1.80 -29.02 0.84
CA VAL C 103 -0.68 -29.94 0.57
C VAL C 103 0.64 -29.19 0.40
N ARG C 104 1.64 -29.61 1.18
CA ARG C 104 2.95 -28.93 1.28
C ARG C 104 2.77 -27.42 1.44
N TYR C 105 2.73 -26.98 2.69
CA TYR C 105 2.26 -25.64 3.06
C TYR C 105 3.12 -24.49 2.51
N PHE C 106 4.41 -24.51 2.80
CA PHE C 106 5.30 -23.42 2.38
C PHE C 106 6.11 -23.77 1.16
N ASP C 107 6.50 -22.74 0.42
CA ASP C 107 7.42 -22.84 -0.72
C ASP C 107 6.88 -23.59 -1.94
N ARG C 108 5.83 -24.40 -1.73
CA ARG C 108 5.31 -25.26 -2.79
C ARG C 108 4.48 -24.48 -3.82
N GLU C 109 5.19 -23.68 -4.64
CA GLU C 109 4.62 -22.94 -5.79
C GLU C 109 3.36 -22.11 -5.51
N SER C 110 2.95 -22.03 -4.24
CA SER C 110 1.65 -21.46 -3.89
C SER C 110 1.70 -20.37 -2.81
N GLY C 111 1.13 -19.22 -3.15
CA GLY C 111 0.92 -18.11 -2.22
C GLY C 111 -0.49 -17.57 -2.38
N TRP C 112 -1.47 -18.45 -2.16
CA TRP C 112 -2.86 -18.18 -2.48
C TRP C 112 -3.63 -17.71 -1.24
N PHE C 113 -3.52 -16.41 -0.95
CA PHE C 113 -4.13 -15.82 0.25
C PHE C 113 -5.50 -15.23 -0.05
N ASP C 114 -6.56 -15.84 0.49
CA ASP C 114 -7.93 -15.39 0.23
C ASP C 114 -8.56 -14.57 1.36
N PRO C 115 -8.80 -15.18 2.55
CA PRO C 115 -9.36 -14.39 3.63
C PRO C 115 -8.28 -13.59 4.35
N TRP C 116 -8.48 -12.28 4.44
CA TRP C 116 -7.52 -11.40 5.09
C TRP C 116 -8.13 -10.77 6.35
N GLY C 117 -7.29 -10.59 7.37
CA GLY C 117 -7.72 -9.94 8.60
C GLY C 117 -7.99 -8.47 8.38
N GLN C 118 -8.77 -7.86 9.29
CA GLN C 118 -9.15 -6.45 9.20
C GLN C 118 -7.96 -5.51 9.22
N GLY C 119 -6.90 -5.91 9.93
CA GLY C 119 -5.68 -5.11 10.05
C GLY C 119 -5.58 -4.43 11.40
N THR C 120 -4.34 -4.20 11.83
CA THR C 120 -4.07 -3.54 13.10
C THR C 120 -2.96 -2.50 12.97
N LEU C 121 -3.25 -1.28 13.42
CA LEU C 121 -2.28 -0.18 13.36
C LEU C 121 -1.23 -0.31 14.46
N VAL C 122 0.00 -0.60 14.04
CA VAL C 122 1.12 -0.65 14.96
C VAL C 122 2.05 0.53 14.68
N THR C 123 2.05 1.49 15.60
CA THR C 123 2.84 2.72 15.45
C THR C 123 4.10 2.66 16.30
N VAL C 124 5.22 3.02 15.70
CA VAL C 124 6.51 3.06 16.41
C VAL C 124 7.02 4.50 16.50
N SER C 125 6.71 5.15 17.62
CA SER C 125 7.15 6.52 17.87
C SER C 125 7.24 6.79 19.37
N SER C 126 8.37 7.35 19.80
CA SER C 126 8.59 7.72 21.19
C SER C 126 8.06 9.14 21.47
N ALA C 127 6.92 9.47 20.87
CA ALA C 127 6.32 10.79 20.99
C ALA C 127 5.05 10.76 21.85
N SER C 128 5.00 11.65 22.84
CA SER C 128 3.83 11.82 23.69
C SER C 128 3.28 13.25 23.57
N THR C 129 4.17 14.22 23.80
CA THR C 129 3.84 15.64 23.67
C THR C 129 5.04 16.38 23.08
N LYS C 130 4.80 17.12 22.00
CA LYS C 130 5.86 17.85 21.32
C LYS C 130 5.40 19.22 20.82
N GLY C 131 6.28 20.21 20.96
CA GLY C 131 6.01 21.57 20.52
C GLY C 131 6.59 21.87 19.14
N PRO C 132 5.82 22.57 18.29
CA PRO C 132 6.25 22.88 16.92
C PRO C 132 7.30 23.97 16.83
N SER C 133 8.15 23.89 15.80
CA SER C 133 9.15 24.92 15.53
C SER C 133 8.84 25.59 14.20
N VAL C 134 8.60 26.90 14.24
CA VAL C 134 8.16 27.66 13.07
C VAL C 134 9.32 28.41 12.42
N PHE C 135 9.44 28.26 11.09
CA PHE C 135 10.47 28.95 10.32
C PHE C 135 9.84 29.66 9.11
N PRO C 136 10.09 30.98 8.98
CA PRO C 136 9.53 31.74 7.86
C PRO C 136 10.25 31.44 6.53
N LEU C 137 9.47 31.22 5.49
CA LEU C 137 10.03 30.90 4.17
C LEU C 137 10.02 32.10 3.23
N ALA C 138 11.21 32.55 2.86
CA ALA C 138 11.37 33.70 1.97
C ALA C 138 11.25 33.30 0.51
N PRO C 139 10.53 34.11 -0.30
CA PRO C 139 10.36 33.84 -1.72
C PRO C 139 11.62 34.15 -2.53
N SER C 140 11.79 33.44 -3.64
CA SER C 140 12.95 33.63 -4.51
C SER C 140 12.82 34.88 -5.38
N SER C 141 13.95 35.32 -5.94
CA SER C 141 13.98 36.52 -6.79
C SER C 141 13.31 36.31 -8.14
N LYS C 142 13.28 35.06 -8.60
CA LYS C 142 12.63 34.70 -9.87
C LYS C 142 11.12 34.63 -9.73
N SER C 143 10.65 34.27 -8.53
CA SER C 143 9.21 34.18 -8.26
C SER C 143 8.58 35.54 -7.96
N THR C 144 9.39 36.47 -7.46
CA THR C 144 8.93 37.83 -7.14
C THR C 144 9.05 38.79 -8.33
N SER C 145 9.71 38.33 -9.39
CA SER C 145 9.93 39.16 -10.59
C SER C 145 8.70 39.25 -11.49
N GLY C 146 7.76 38.32 -11.31
CA GLY C 146 6.54 38.28 -12.12
C GLY C 146 5.45 39.21 -11.63
N GLY C 147 4.19 38.80 -11.82
CA GLY C 147 3.04 39.59 -11.41
C GLY C 147 2.52 39.23 -10.03
N THR C 148 2.73 38.00 -9.61
CA THR C 148 2.26 37.50 -8.32
C THR C 148 3.33 36.64 -7.64
N ALA C 149 3.50 36.83 -6.34
CA ALA C 149 4.51 36.11 -5.55
C ALA C 149 3.88 35.18 -4.51
N ALA C 150 4.67 34.21 -4.03
CA ALA C 150 4.20 33.24 -3.05
C ALA C 150 5.04 33.27 -1.77
N LEU C 151 4.37 33.49 -0.64
CA LEU C 151 5.00 33.48 0.68
C LEU C 151 4.62 32.21 1.43
N GLY C 152 5.36 31.89 2.49
CA GLY C 152 5.08 30.68 3.27
C GLY C 152 5.73 30.59 4.64
N CYS C 153 5.22 29.67 5.45
CA CYS C 153 5.78 29.36 6.77
C CYS C 153 5.99 27.86 6.92
N LEU C 154 7.11 27.48 7.52
CA LEU C 154 7.46 26.07 7.72
C LEU C 154 7.32 25.66 9.19
N VAL C 155 6.35 24.77 9.45
CA VAL C 155 6.16 24.19 10.76
C VAL C 155 6.95 22.89 10.84
N LYS C 156 7.88 22.81 11.78
CA LYS C 156 8.79 21.68 11.89
C LYS C 156 8.72 20.99 13.24
N ASP C 157 8.59 19.66 13.20
CA ASP C 157 8.65 18.77 14.38
C ASP C 157 7.59 19.04 15.46
N TYR C 158 6.45 18.36 15.33
CA TYR C 158 5.40 18.41 16.34
C TYR C 158 4.63 17.08 16.42
N PHE C 159 4.05 16.81 17.58
CA PHE C 159 3.23 15.62 17.80
C PHE C 159 2.21 15.83 18.92
N PRO C 160 0.95 15.43 18.69
CA PRO C 160 0.42 14.87 17.45
C PRO C 160 -0.45 15.85 16.65
N GLU C 161 -1.27 15.32 15.75
CA GLU C 161 -2.19 16.12 14.93
C GLU C 161 -3.38 16.65 15.74
N PRO C 162 -4.05 17.72 15.27
CA PRO C 162 -3.76 18.53 14.09
C PRO C 162 -3.25 19.95 14.41
N VAL C 163 -2.93 20.72 13.37
CA VAL C 163 -2.51 22.12 13.51
C VAL C 163 -3.25 23.00 12.51
N THR C 164 -3.87 24.07 13.03
CA THR C 164 -4.55 25.04 12.19
C THR C 164 -3.75 26.34 12.13
N VAL C 165 -3.47 26.79 10.91
CA VAL C 165 -2.67 28.00 10.69
C VAL C 165 -3.53 29.14 10.13
N SER C 166 -3.48 30.28 10.81
CA SER C 166 -4.20 31.48 10.38
C SER C 166 -3.22 32.61 10.04
N TRP C 167 -3.56 33.39 9.01
CA TRP C 167 -2.70 34.47 8.55
C TRP C 167 -3.26 35.85 8.92
N ASN C 168 -2.39 36.68 9.50
CA ASN C 168 -2.72 38.06 9.89
C ASN C 168 -4.00 38.18 10.74
N SER C 169 -3.96 37.60 11.94
CA SER C 169 -5.08 37.58 12.89
C SER C 169 -6.32 36.81 12.40
N GLY C 170 -6.39 36.59 11.09
CA GLY C 170 -7.54 35.94 10.46
C GLY C 170 -8.17 36.81 9.39
N ALA C 171 -7.34 37.65 8.77
CA ALA C 171 -7.79 38.56 7.72
C ALA C 171 -7.57 37.99 6.32
N LEU C 172 -6.41 37.34 6.13
CA LEU C 172 -6.09 36.71 4.86
C LEU C 172 -6.81 35.37 4.70
N THR C 173 -7.68 35.30 3.70
CA THR C 173 -8.46 34.10 3.42
C THR C 173 -8.26 33.63 1.98
N SER C 174 -8.21 34.60 1.06
CA SER C 174 -8.03 34.32 -0.36
C SER C 174 -6.58 33.95 -0.68
N GLY C 175 -6.40 32.81 -1.34
CA GLY C 175 -5.09 32.34 -1.74
C GLY C 175 -4.37 31.50 -0.69
N VAL C 176 -4.97 31.37 0.49
CA VAL C 176 -4.39 30.61 1.59
C VAL C 176 -4.59 29.11 1.37
N HIS C 177 -3.48 28.37 1.38
CA HIS C 177 -3.51 26.92 1.20
C HIS C 177 -2.52 26.22 2.13
N THR C 178 -3.06 25.44 3.07
CA THR C 178 -2.24 24.70 4.03
C THR C 178 -2.12 23.23 3.58
N PHE C 179 -0.89 22.75 3.52
CA PHE C 179 -0.61 21.37 3.10
C PHE C 179 -0.64 20.40 4.27
N PRO C 180 -1.07 19.14 4.02
CA PRO C 180 -1.10 18.10 5.05
C PRO C 180 0.28 17.78 5.60
N ALA C 181 0.34 17.38 6.87
CA ALA C 181 1.59 17.09 7.56
C ALA C 181 2.26 15.82 7.06
N VAL C 182 3.59 15.83 7.07
CA VAL C 182 4.39 14.68 6.66
C VAL C 182 4.92 13.91 7.88
N LEU C 183 4.85 12.59 7.82
CA LEU C 183 5.38 11.75 8.88
C LEU C 183 6.83 11.39 8.58
N GLN C 184 7.74 11.89 9.42
CA GLN C 184 9.18 11.69 9.25
C GLN C 184 9.62 10.33 9.79
N SER C 185 10.89 10.00 9.56
CA SER C 185 11.48 8.75 10.03
C SER C 185 11.51 8.65 11.56
N SER C 186 11.62 9.80 12.21
CA SER C 186 11.59 9.88 13.67
C SER C 186 10.17 9.67 14.22
N GLY C 187 9.17 9.97 13.40
CA GLY C 187 7.76 9.83 13.79
C GLY C 187 7.13 11.16 14.16
N LEU C 188 7.67 12.25 13.62
CA LEU C 188 7.19 13.60 13.91
C LEU C 188 6.47 14.20 12.70
N TYR C 189 5.51 15.07 12.96
CA TYR C 189 4.72 15.72 11.90
C TYR C 189 5.29 17.09 11.53
N SER C 190 5.17 17.44 10.26
CA SER C 190 5.63 18.74 9.75
C SER C 190 4.80 19.18 8.54
N LEU C 191 4.27 20.40 8.60
CA LEU C 191 3.47 20.96 7.52
C LEU C 191 3.94 22.35 7.08
N SER C 192 3.44 22.80 5.93
CA SER C 192 3.76 24.13 5.39
C SER C 192 2.53 24.75 4.73
N SER C 193 2.28 26.02 5.03
CA SER C 193 1.15 26.76 4.47
C SER C 193 1.64 27.90 3.59
N VAL C 194 1.04 28.06 2.42
CA VAL C 194 1.41 29.12 1.47
C VAL C 194 0.23 30.02 1.09
N VAL C 195 0.51 31.31 0.95
CA VAL C 195 -0.47 32.29 0.51
C VAL C 195 0.07 33.10 -0.68
N THR C 196 -0.76 33.26 -1.71
CA THR C 196 -0.37 33.99 -2.91
C THR C 196 -0.87 35.44 -2.88
N VAL C 197 0.07 36.38 -3.02
CA VAL C 197 -0.21 37.82 -2.97
C VAL C 197 0.56 38.58 -4.06
N PRO C 198 0.01 39.72 -4.53
CA PRO C 198 0.70 40.55 -5.53
C PRO C 198 2.05 41.08 -5.05
N SER C 199 2.99 41.22 -5.99
CA SER C 199 4.38 41.57 -5.69
C SER C 199 4.58 43.01 -5.21
N SER C 200 3.65 43.89 -5.58
CA SER C 200 3.74 45.32 -5.23
C SER C 200 3.42 45.61 -3.76
N SER C 201 2.87 44.61 -3.06
CA SER C 201 2.46 44.76 -1.66
C SER C 201 3.54 44.33 -0.67
N LEU C 202 4.51 43.55 -1.14
CA LEU C 202 5.57 43.01 -0.28
C LEU C 202 6.49 44.07 0.33
N GLY C 203 6.54 45.23 -0.31
CA GLY C 203 7.40 46.34 0.14
C GLY C 203 6.91 47.04 1.40
N THR C 204 5.60 47.02 1.61
CA THR C 204 4.99 47.74 2.75
C THR C 204 4.26 46.82 3.74
N GLN C 205 3.48 45.88 3.21
CA GLN C 205 2.65 45.00 4.04
C GLN C 205 3.47 43.95 4.80
N THR C 206 3.15 43.80 6.07
CA THR C 206 3.80 42.80 6.93
C THR C 206 2.92 41.55 7.03
N TYR C 207 3.54 40.39 6.82
CA TYR C 207 2.82 39.11 6.82
C TYR C 207 3.28 38.20 7.95
N ILE C 208 2.38 37.94 8.89
CA ILE C 208 2.66 37.10 10.05
C ILE C 208 1.74 35.88 10.06
N CYS C 209 2.33 34.70 10.19
CA CYS C 209 1.57 33.46 10.29
C CYS C 209 1.41 33.02 11.75
N ASN C 210 0.18 32.67 12.11
CA ASN C 210 -0.14 32.24 13.48
C ASN C 210 -0.27 30.72 13.57
N VAL C 211 0.61 30.10 14.36
CA VAL C 211 0.60 28.65 14.54
C VAL C 211 0.21 28.31 15.98
N ASN C 212 -0.82 27.48 16.11
CA ASN C 212 -1.32 27.08 17.43
C ASN C 212 -1.50 25.57 17.56
N HIS C 213 -0.79 24.98 18.52
CA HIS C 213 -0.88 23.56 18.81
C HIS C 213 -1.65 23.34 20.11
N LYS C 214 -2.69 22.51 20.03
CA LYS C 214 -3.61 22.31 21.16
C LYS C 214 -3.07 21.42 22.30
N PRO C 215 -2.53 20.22 21.98
CA PRO C 215 -2.05 19.32 23.04
C PRO C 215 -0.90 19.88 23.88
N SER C 216 0.05 20.55 23.25
CA SER C 216 1.20 21.12 23.95
C SER C 216 0.96 22.55 24.45
N ASN C 217 -0.20 23.11 24.07
CA ASN C 217 -0.57 24.49 24.40
C ASN C 217 0.46 25.52 23.95
N THR C 218 0.93 25.37 22.72
CA THR C 218 1.96 26.23 22.15
C THR C 218 1.39 27.14 21.07
N LYS C 219 1.64 28.44 21.21
CA LYS C 219 1.20 29.44 20.24
C LYS C 219 2.38 30.31 19.78
N VAL C 220 2.83 30.08 18.55
CA VAL C 220 3.99 30.77 18.00
C VAL C 220 3.58 31.71 16.86
N ASP C 221 3.96 32.98 16.99
CA ASP C 221 3.73 33.97 15.95
C ASP C 221 5.03 34.29 15.24
N LYS C 222 5.03 34.13 13.91
CA LYS C 222 6.25 34.33 13.12
C LYS C 222 5.98 35.16 11.87
N LYS C 223 6.80 36.20 11.68
CA LYS C 223 6.68 37.11 10.54
C LYS C 223 7.57 36.68 9.39
N VAL C 224 7.09 36.94 8.16
CA VAL C 224 7.85 36.60 6.95
C VAL C 224 8.47 37.86 6.36
N GLU C 225 9.80 37.85 6.23
CA GLU C 225 10.54 38.98 5.68
C GLU C 225 10.98 38.70 4.24
N PRO C 226 10.75 39.67 3.34
CA PRO C 226 11.14 39.55 1.93
C PRO C 226 12.66 39.55 1.73
#